data_3RPF
#
_entry.id   3RPF
#
_cell.length_a   88.187
_cell.length_b   127.582
_cell.length_c   187.945
_cell.angle_alpha   90.00
_cell.angle_beta   90.00
_cell.angle_gamma   90.00
#
_symmetry.space_group_name_H-M   'F 2 2 2'
#
loop_
_entity.id
_entity.type
_entity.pdbx_description
1 polymer 'Molybdopterin synthase catalytic subunit'
2 polymer 'Molybdopterin converting factor, subunit 1 (MoaD)'
3 non-polymer 'SULFATE ION'
4 non-polymer 1,2-ETHANEDIOL
5 water water
#
loop_
_entity_poly.entity_id
_entity_poly.type
_entity_poly.pdbx_seq_one_letter_code
_entity_poly.pdbx_strand_id
1 'polypeptide(L)'
;SNAVLKIIQGALDTRELLKAYQEEACAKNFGAFCVFVGIVRKEDNIQGLSFDIYEALLKTWFEKWHHKAKDLGVVLK
(MSE)AHSLGDVLIGQSSFLCVS(MSE)GKNRKNALELYENFIEDFKHNAPIWKYDLIHNKRIYAKERSHPLKGSGLLA
;
A,B
2 'polypeptide(L)'
;(MSE)(MSE)VEVRFFGPIKEENFFIKANDLKELRAILQEKEGLKEWLGVCAIALNDHLIDNLNTPLKDGDVISLLPPVC
GG
;
C,D
#
loop_
_chem_comp.id
_chem_comp.type
_chem_comp.name
_chem_comp.formula
EDO non-polymer 1,2-ETHANEDIOL 'C2 H6 O2'
SO4 non-polymer 'SULFATE ION' 'O4 S -2'
#
# COMPACT_ATOMS: atom_id res chain seq x y z
N ALA A 3 5.73 1.42 -29.23
CA ALA A 3 7.01 0.77 -28.95
C ALA A 3 6.81 -0.68 -28.54
N VAL A 4 7.87 -1.46 -28.64
CA VAL A 4 7.82 -2.89 -28.40
C VAL A 4 7.78 -3.20 -26.89
N LEU A 5 8.62 -2.50 -26.13
CA LEU A 5 8.66 -2.61 -24.66
C LEU A 5 8.35 -1.25 -24.05
N LYS A 6 7.33 -1.17 -23.19
CA LYS A 6 7.02 0.08 -22.50
C LYS A 6 7.24 -0.02 -20.99
N ILE A 7 8.12 0.84 -20.48
CA ILE A 7 8.34 0.94 -19.04
C ILE A 7 7.64 2.19 -18.53
N ILE A 8 6.65 1.99 -17.67
CA ILE A 8 5.77 3.07 -17.25
C ILE A 8 5.98 3.36 -15.77
N GLN A 9 6.08 4.64 -15.42
CA GLN A 9 6.15 5.02 -14.03
C GLN A 9 4.79 4.85 -13.38
N GLY A 10 4.71 4.01 -12.36
CA GLY A 10 3.45 3.73 -11.69
C GLY A 10 2.60 2.72 -12.46
N ALA A 11 1.31 2.72 -12.13
CA ALA A 11 0.34 1.77 -12.68
C ALA A 11 0.13 1.89 -14.20
N LEU A 12 -0.12 0.76 -14.85
CA LEU A 12 -0.31 0.76 -16.29
C LEU A 12 -1.72 1.28 -16.63
N ASP A 13 -1.85 2.02 -17.72
CA ASP A 13 -3.19 2.37 -18.20
C ASP A 13 -3.64 1.27 -19.13
N THR A 14 -4.19 0.21 -18.57
CA THR A 14 -4.51 -0.99 -19.35
C THR A 14 -5.57 -0.69 -20.41
N ARG A 15 -6.52 0.17 -20.09
CA ARG A 15 -7.53 0.54 -21.08
C ARG A 15 -6.85 1.06 -22.33
N GLU A 16 -5.94 2.01 -22.15
CA GLU A 16 -5.28 2.67 -23.28
C GLU A 16 -4.37 1.72 -24.04
N LEU A 17 -3.62 0.89 -23.32
CA LEU A 17 -2.74 -0.10 -23.94
C LEU A 17 -3.52 -1.15 -24.73
N LEU A 18 -4.61 -1.66 -24.16
CA LEU A 18 -5.40 -2.69 -24.81
C LEU A 18 -6.03 -2.18 -26.09
N LYS A 19 -6.53 -0.94 -26.05
CA LYS A 19 -7.12 -0.31 -27.21
C LYS A 19 -6.10 -0.18 -28.34
N ALA A 20 -4.91 0.32 -28.01
CA ALA A 20 -3.87 0.51 -29.01
C ALA A 20 -3.45 -0.83 -29.60
N TYR A 21 -3.29 -1.84 -28.76
CA TYR A 21 -2.87 -3.13 -29.27
C TYR A 21 -3.89 -3.71 -30.24
N GLN A 22 -5.17 -3.59 -29.89
CA GLN A 22 -6.25 -4.13 -30.72
C GLN A 22 -6.29 -3.43 -32.05
N GLU A 23 -6.18 -2.12 -32.04
CA GLU A 23 -6.15 -1.34 -33.27
C GLU A 23 -5.03 -1.83 -34.17
N GLU A 24 -3.89 -2.14 -33.57
CA GLU A 24 -2.78 -2.71 -34.34
C GLU A 24 -3.19 -4.06 -34.91
N ALA A 25 -3.87 -4.87 -34.09
CA ALA A 25 -4.28 -6.20 -34.52
C ALA A 25 -5.15 -6.09 -35.77
N CYS A 26 -6.08 -5.14 -35.75
CA CYS A 26 -6.97 -4.94 -36.89
C CYS A 26 -6.21 -4.39 -38.11
N ALA A 27 -5.34 -3.40 -37.89
CA ALA A 27 -4.59 -2.81 -38.98
C ALA A 27 -3.66 -3.82 -39.65
N LYS A 28 -3.24 -4.84 -38.91
CA LYS A 28 -2.37 -5.86 -39.49
C LYS A 28 -3.16 -7.09 -39.95
N ASN A 29 -4.48 -6.98 -39.94
CA ASN A 29 -5.35 -8.07 -40.39
C ASN A 29 -5.09 -9.36 -39.60
N PHE A 30 -4.87 -9.22 -38.29
CA PHE A 30 -4.67 -10.38 -37.41
C PHE A 30 -5.98 -11.03 -36.99
N GLY A 31 -5.92 -12.34 -36.69
CA GLY A 31 -7.13 -13.09 -36.37
C GLY A 31 -7.11 -13.63 -34.96
N ALA A 32 -5.95 -13.50 -34.30
CA ALA A 32 -5.80 -14.03 -32.93
C ALA A 32 -5.08 -13.05 -32.02
N PHE A 33 -5.65 -12.84 -30.83
CA PHE A 33 -5.20 -11.76 -29.96
C PHE A 33 -5.19 -12.27 -28.52
N CYS A 34 -3.99 -12.53 -27.97
CA CYS A 34 -3.86 -13.03 -26.60
C CYS A 34 -3.27 -11.98 -25.67
N VAL A 35 -3.93 -11.74 -24.55
CA VAL A 35 -3.51 -10.73 -23.59
C VAL A 35 -3.35 -11.35 -22.21
N PHE A 36 -2.32 -10.91 -21.49
CA PHE A 36 -2.19 -11.19 -20.08
C PHE A 36 -2.04 -9.90 -19.31
N VAL A 37 -2.74 -9.78 -18.20
CA VAL A 37 -2.62 -8.62 -17.35
C VAL A 37 -2.35 -9.08 -15.92
N GLY A 38 -1.23 -8.62 -15.35
CA GLY A 38 -0.91 -8.88 -13.95
C GLY A 38 -1.41 -7.72 -13.10
N ILE A 39 -2.30 -8.05 -12.16
CA ILE A 39 -2.99 -7.03 -11.36
C ILE A 39 -2.56 -7.18 -9.92
N VAL A 40 -2.22 -6.07 -9.27
CA VAL A 40 -1.80 -6.14 -7.89
C VAL A 40 -3.00 -6.45 -7.02
N ARG A 41 -2.93 -7.53 -6.26
CA ARG A 41 -4.04 -7.87 -5.39
C ARG A 41 -3.69 -7.62 -3.94
N LYS A 42 -4.72 -7.40 -3.13
CA LYS A 42 -4.54 -7.18 -1.71
C LYS A 42 -4.21 -8.50 -1.04
N GLU A 43 -3.01 -8.58 -0.47
CA GLU A 43 -2.61 -9.70 0.34
C GLU A 43 -2.30 -9.17 1.72
N ASP A 44 -2.87 -9.78 2.75
CA ASP A 44 -2.80 -9.26 4.11
C ASP A 44 -3.30 -7.83 4.07
N ASN A 45 -2.48 -6.89 4.53
CA ASN A 45 -2.87 -5.49 4.46
C ASN A 45 -1.84 -4.62 3.76
N ILE A 46 -1.21 -5.17 2.72
CA ILE A 46 -0.27 -4.37 1.94
C ILE A 46 -1.00 -3.24 1.25
N GLN A 47 -0.26 -2.18 0.94
CA GLN A 47 -0.82 -1.06 0.19
C GLN A 47 -0.70 -1.29 -1.32
N GLY A 48 0.25 -2.15 -1.70
CA GLY A 48 0.48 -2.43 -3.11
C GLY A 48 1.88 -2.99 -3.28
N LEU A 49 2.42 -2.91 -4.49
CA LEU A 49 3.75 -3.42 -4.75
C LEU A 49 4.59 -2.31 -5.34
N SER A 50 5.90 -2.52 -5.35
CA SER A 50 6.81 -1.58 -5.98
C SER A 50 7.85 -2.37 -6.77
N PHE A 51 8.29 -1.81 -7.89
CA PHE A 51 9.22 -2.54 -8.75
C PHE A 51 10.50 -1.74 -9.06
N ASP A 52 11.65 -2.42 -9.04
CA ASP A 52 12.87 -1.90 -9.67
C ASP A 52 13.13 -2.66 -10.96
N ILE A 53 13.65 -1.98 -11.97
CA ILE A 53 13.92 -2.61 -13.27
C ILE A 53 15.35 -2.33 -13.76
N TYR A 54 16.06 -3.38 -14.18
CA TYR A 54 17.37 -3.18 -14.86
C TYR A 54 17.05 -2.91 -16.33
N GLU A 55 16.93 -1.65 -16.71
CA GLU A 55 16.27 -1.34 -17.99
C GLU A 55 17.05 -1.80 -19.21
N ALA A 56 18.36 -1.58 -19.22
CA ALA A 56 19.18 -1.97 -20.36
C ALA A 56 19.09 -3.47 -20.63
N LEU A 57 19.13 -4.28 -19.58
CA LEU A 57 19.11 -5.73 -19.76
C LEU A 57 17.71 -6.18 -20.09
N LEU A 58 16.71 -5.59 -19.45
CA LEU A 58 15.32 -5.90 -19.81
C LEU A 58 15.08 -5.68 -21.31
N LYS A 59 15.57 -4.55 -21.82
CA LYS A 59 15.38 -4.22 -23.23
C LYS A 59 15.95 -5.29 -24.15
N THR A 60 17.18 -5.71 -23.89
CA THR A 60 17.85 -6.68 -24.75
C THR A 60 17.22 -8.06 -24.60
N TRP A 61 17.03 -8.50 -23.37
CA TRP A 61 16.30 -9.75 -23.11
C TRP A 61 14.98 -9.79 -23.88
N PHE A 62 14.18 -8.73 -23.78
CA PHE A 62 12.88 -8.77 -24.42
C PHE A 62 13.04 -8.72 -25.94
N GLU A 63 14.04 -8.01 -26.43
CA GLU A 63 14.18 -7.86 -27.88
C GLU A 63 14.40 -9.21 -28.55
N LYS A 64 15.07 -10.13 -27.84
CA LYS A 64 15.24 -11.48 -28.36
C LYS A 64 13.90 -12.21 -28.47
N TRP A 65 13.03 -12.02 -27.49
CA TRP A 65 11.70 -12.64 -27.54
C TRP A 65 10.86 -12.02 -28.65
N HIS A 66 10.88 -10.69 -28.74
CA HIS A 66 10.15 -10.03 -29.81
C HIS A 66 10.56 -10.57 -31.18
N HIS A 67 11.86 -10.70 -31.43
CA HIS A 67 12.29 -11.17 -32.74
C HIS A 67 12.07 -12.66 -32.99
N LYS A 68 12.12 -13.48 -31.94
CA LYS A 68 11.76 -14.89 -32.08
C LYS A 68 10.28 -15.00 -32.46
N ALA A 69 9.46 -14.13 -31.87
CA ALA A 69 8.05 -14.08 -32.17
C ALA A 69 7.81 -13.66 -33.63
N LYS A 70 8.52 -12.62 -34.05
CA LYS A 70 8.34 -12.09 -35.40
C LYS A 70 8.67 -13.14 -36.45
N ASP A 71 9.72 -13.92 -36.22
CA ASP A 71 10.05 -15.02 -37.15
C ASP A 71 8.88 -15.99 -37.34
N LEU A 72 7.98 -16.05 -36.36
CA LEU A 72 6.84 -16.97 -36.43
C LEU A 72 5.55 -16.25 -36.84
N GLY A 73 5.67 -14.99 -37.26
CA GLY A 73 4.50 -14.26 -37.71
C GLY A 73 3.68 -13.68 -36.57
N VAL A 74 4.28 -13.62 -35.38
CA VAL A 74 3.58 -13.13 -34.19
C VAL A 74 4.18 -11.81 -33.67
N VAL A 75 3.31 -10.84 -33.39
CA VAL A 75 3.71 -9.60 -32.72
C VAL A 75 3.62 -9.78 -31.22
N LEU A 76 4.75 -9.62 -30.55
CA LEU A 76 4.79 -9.77 -29.11
C LEU A 76 5.27 -8.47 -28.51
N LYS A 77 4.44 -7.87 -27.65
CA LYS A 77 4.83 -6.62 -26.96
C LYS A 77 4.45 -6.69 -25.51
N MSE A 78 5.10 -5.85 -24.70
CA MSE A 78 4.80 -5.83 -23.29
C MSE A 78 4.97 -4.43 -22.69
O MSE A 78 5.61 -3.53 -23.30
CB MSE A 78 5.71 -6.82 -22.54
CG MSE A 78 7.18 -6.38 -22.53
SE MSE A 78 8.23 -7.33 -21.18
CE MSE A 78 7.60 -6.37 -19.62
N ALA A 79 4.40 -4.24 -21.51
CA ALA A 79 4.57 -3.03 -20.74
C ALA A 79 4.67 -3.47 -19.30
N HIS A 80 5.42 -2.72 -18.50
CA HIS A 80 5.58 -3.06 -17.10
C HIS A 80 5.73 -1.78 -16.30
N SER A 81 5.20 -1.78 -15.07
CA SER A 81 5.32 -0.62 -14.19
C SER A 81 6.70 -0.52 -13.55
N LEU A 82 7.12 0.71 -13.28
CA LEU A 82 8.32 0.98 -12.48
C LEU A 82 7.87 1.76 -11.24
N GLY A 83 8.37 1.39 -10.07
CA GLY A 83 7.96 2.08 -8.86
C GLY A 83 6.67 1.52 -8.28
N ASP A 84 5.88 2.37 -7.63
CA ASP A 84 4.73 1.93 -6.86
C ASP A 84 3.51 1.65 -7.72
N VAL A 85 2.84 0.55 -7.41
CA VAL A 85 1.57 0.18 -7.98
C VAL A 85 0.64 -0.26 -6.86
N LEU A 86 -0.48 0.41 -6.72
CA LEU A 86 -1.42 0.13 -5.65
C LEU A 86 -2.36 -1.05 -5.93
N ILE A 87 -3.02 -1.53 -4.89
CA ILE A 87 -3.92 -2.66 -4.97
C ILE A 87 -4.98 -2.31 -5.97
N GLY A 88 -5.32 -3.27 -6.82
CA GLY A 88 -6.32 -3.07 -7.84
C GLY A 88 -5.76 -2.56 -9.16
N GLN A 89 -4.52 -2.09 -9.15
CA GLN A 89 -3.91 -1.53 -10.35
CA GLN A 89 -3.93 -1.54 -10.36
C GLN A 89 -3.03 -2.56 -11.06
N SER A 90 -2.81 -2.36 -12.36
CA SER A 90 -2.05 -3.32 -13.17
C SER A 90 -0.57 -2.98 -13.25
N SER A 91 0.27 -4.00 -13.19
CA SER A 91 1.71 -3.76 -13.13
C SER A 91 2.43 -4.34 -14.34
N PHE A 92 1.73 -5.18 -15.10
CA PHE A 92 2.36 -5.88 -16.20
C PHE A 92 1.27 -6.25 -17.20
N LEU A 93 1.61 -6.14 -18.48
CA LEU A 93 0.65 -6.46 -19.53
C LEU A 93 1.46 -6.94 -20.72
N CYS A 94 0.99 -8.01 -21.36
CA CYS A 94 1.61 -8.40 -22.60
C CYS A 94 0.61 -8.93 -23.59
N VAL A 95 0.98 -8.84 -24.86
CA VAL A 95 0.11 -9.27 -25.94
C VAL A 95 0.91 -10.09 -26.92
N SER A 96 0.29 -11.15 -27.40
CA SER A 96 0.86 -11.97 -28.45
C SER A 96 -0.26 -12.06 -29.44
N MSE A 97 -0.02 -11.59 -30.67
CA MSE A 97 -1.11 -11.60 -31.67
C MSE A 97 -0.58 -11.94 -33.04
O MSE A 97 0.59 -11.71 -33.33
CB MSE A 97 -1.82 -10.23 -31.71
CG MSE A 97 -0.82 -9.05 -31.85
SE MSE A 97 -1.64 -7.28 -31.78
CE MSE A 97 -0.15 -6.21 -31.07
N GLY A 98 -1.43 -12.51 -33.89
CA GLY A 98 -0.98 -12.81 -35.22
C GLY A 98 -2.10 -13.28 -36.10
N LYS A 99 -1.71 -13.78 -37.26
CA LYS A 99 -2.68 -14.29 -38.20
C LYS A 99 -3.40 -15.49 -37.62
N ASN A 100 -2.66 -16.46 -37.10
CA ASN A 100 -3.20 -17.73 -36.62
C ASN A 100 -3.07 -17.90 -35.10
N ARG A 101 -4.01 -18.61 -34.47
CA ARG A 101 -3.95 -18.72 -33.02
C ARG A 101 -2.81 -19.61 -32.53
N LYS A 102 -2.40 -20.58 -33.34
CA LYS A 102 -1.52 -21.60 -32.82
C LYS A 102 -0.17 -21.05 -32.35
N ASN A 103 0.56 -20.35 -33.22
CA ASN A 103 1.84 -19.78 -32.80
C ASN A 103 1.67 -18.68 -31.75
N ALA A 104 0.61 -17.89 -31.89
CA ALA A 104 0.37 -16.81 -30.93
C ALA A 104 0.18 -17.36 -29.53
N LEU A 105 -0.60 -18.42 -29.40
CA LEU A 105 -0.85 -19.03 -28.10
C LEU A 105 0.39 -19.71 -27.53
N GLU A 106 1.21 -20.31 -28.39
CA GLU A 106 2.40 -21.01 -27.95
C GLU A 106 3.43 -20.01 -27.43
N LEU A 107 3.66 -18.94 -28.17
CA LEU A 107 4.61 -17.91 -27.72
C LEU A 107 4.15 -17.27 -26.41
N TYR A 108 2.84 -17.07 -26.30
CA TYR A 108 2.25 -16.42 -25.13
C TYR A 108 2.57 -17.21 -23.87
N GLU A 109 2.27 -18.50 -23.90
CA GLU A 109 2.62 -19.42 -22.81
C GLU A 109 4.10 -19.39 -22.51
N ASN A 110 4.91 -19.61 -23.54
CA ASN A 110 6.35 -19.71 -23.37
C ASN A 110 6.96 -18.41 -22.86
N PHE A 111 6.51 -17.29 -23.42
CA PHE A 111 7.02 -15.99 -22.97
C PHE A 111 6.74 -15.73 -21.51
N ILE A 112 5.48 -15.88 -21.10
CA ILE A 112 5.09 -15.53 -19.74
C ILE A 112 5.89 -16.33 -18.72
N GLU A 113 6.13 -17.60 -19.01
CA GLU A 113 6.90 -18.46 -18.11
C GLU A 113 8.36 -18.02 -18.04
N ASP A 114 8.95 -17.73 -19.20
CA ASP A 114 10.32 -17.25 -19.24
C ASP A 114 10.45 -15.92 -18.52
N PHE A 115 9.47 -15.04 -18.75
CA PHE A 115 9.45 -13.74 -18.12
C PHE A 115 9.49 -13.84 -16.60
N LYS A 116 8.59 -14.65 -16.03
CA LYS A 116 8.54 -14.79 -14.58
C LYS A 116 9.91 -15.14 -14.00
N HIS A 117 10.66 -16.00 -14.69
CA HIS A 117 11.89 -16.55 -14.13
C HIS A 117 13.16 -15.80 -14.52
N ASN A 118 13.07 -14.90 -15.50
CA ASN A 118 14.29 -14.35 -16.10
C ASN A 118 14.33 -12.85 -16.34
N ALA A 119 13.19 -12.19 -16.31
CA ALA A 119 13.20 -10.76 -16.55
C ALA A 119 13.85 -10.13 -15.35
N PRO A 120 14.81 -9.23 -15.60
CA PRO A 120 15.54 -8.57 -14.51
C PRO A 120 14.66 -7.50 -13.89
N ILE A 121 13.75 -7.94 -13.02
CA ILE A 121 12.83 -7.05 -12.33
C ILE A 121 12.71 -7.50 -10.88
N TRP A 122 12.70 -6.55 -9.94
CA TRP A 122 12.66 -6.88 -8.51
C TRP A 122 11.40 -6.33 -7.86
N LYS A 123 10.75 -7.17 -7.06
CA LYS A 123 9.45 -6.84 -6.49
C LYS A 123 9.55 -6.65 -4.99
N TYR A 124 8.82 -5.65 -4.50
CA TYR A 124 8.73 -5.35 -3.08
C TYR A 124 7.26 -5.22 -2.68
N ASP A 125 6.92 -5.74 -1.52
CA ASP A 125 5.60 -5.49 -0.92
C ASP A 125 5.61 -4.08 -0.33
N LEU A 126 4.55 -3.31 -0.51
CA LEU A 126 4.47 -2.00 0.12
C LEU A 126 3.70 -2.16 1.43
N ILE A 127 4.37 -2.04 2.56
CA ILE A 127 3.73 -2.11 3.86
C ILE A 127 4.17 -0.96 4.75
N HIS A 128 3.23 -0.25 5.35
CA HIS A 128 3.57 0.87 6.22
C HIS A 128 4.39 1.91 5.49
N ASN A 129 4.17 2.05 4.18
CA ASN A 129 4.95 2.98 3.36
C ASN A 129 6.41 2.55 3.20
N LYS A 130 6.71 1.32 3.60
CA LYS A 130 8.05 0.75 3.43
C LYS A 130 8.05 -0.41 2.43
N ARG A 131 9.12 -0.54 1.65
CA ARG A 131 9.29 -1.66 0.73
C ARG A 131 9.91 -2.86 1.45
N ILE A 132 9.28 -4.02 1.35
CA ILE A 132 9.87 -5.26 1.84
C ILE A 132 10.15 -6.18 0.66
N TYR A 133 11.42 -6.51 0.45
CA TYR A 133 11.80 -7.36 -0.68
C TYR A 133 11.14 -8.73 -0.56
N ALA A 134 10.72 -9.29 -1.69
CA ALA A 134 9.98 -10.56 -1.70
C ALA A 134 10.92 -11.74 -1.94
N LYS A 135 11.85 -11.96 -1.02
CA LYS A 135 12.90 -12.96 -1.20
C LYS A 135 12.37 -14.37 -1.47
N GLU A 136 11.46 -14.82 -0.61
CA GLU A 136 10.93 -16.18 -0.67
C GLU A 136 10.30 -16.52 -2.02
N ARG A 137 9.69 -15.53 -2.65
CA ARG A 137 8.98 -15.74 -3.90
C ARG A 137 9.86 -15.55 -5.14
N SER A 138 11.12 -15.15 -4.94
CA SER A 138 11.99 -14.77 -6.07
C SER A 138 12.80 -15.91 -6.69
N HIS A 139 13.32 -15.65 -7.88
CA HIS A 139 13.93 -16.66 -8.74
C HIS A 139 15.37 -16.28 -9.11
N PRO A 140 16.34 -17.13 -8.72
CA PRO A 140 17.76 -16.84 -9.02
C PRO A 140 18.00 -16.81 -10.53
N LEU A 141 18.71 -15.79 -11.03
CA LEU A 141 19.02 -15.72 -12.45
C LEU A 141 20.06 -16.77 -12.82
N LYS A 142 20.16 -17.04 -14.12
CA LYS A 142 21.10 -18.02 -14.62
C LYS A 142 22.49 -17.56 -14.26
N GLY A 143 23.26 -18.44 -13.63
CA GLY A 143 24.60 -18.13 -13.20
C GLY A 143 24.64 -17.49 -11.83
N SER A 144 23.59 -17.69 -11.06
CA SER A 144 23.53 -17.18 -9.72
C SER A 144 24.70 -17.76 -8.97
N GLY A 145 25.15 -17.05 -7.94
CA GLY A 145 26.26 -17.47 -7.10
C GLY A 145 27.58 -17.67 -7.82
N LEU A 146 27.86 -16.81 -8.78
CA LEU A 146 29.07 -16.90 -9.57
C LEU A 146 30.30 -16.71 -8.73
N LEU A 147 30.24 -15.78 -7.80
CA LEU A 147 31.37 -15.40 -6.96
C LEU A 147 31.47 -16.11 -5.60
N ALA B 3 -27.50 12.09 20.85
CA ALA B 3 -26.16 12.45 20.40
C ALA B 3 -25.92 11.76 19.09
N VAL B 4 -25.59 12.51 18.07
CA VAL B 4 -25.37 11.90 16.77
C VAL B 4 -24.21 10.94 16.87
N LEU B 5 -23.24 11.23 17.72
CA LEU B 5 -22.08 10.39 17.93
C LEU B 5 -21.91 10.03 19.41
N LYS B 6 -22.06 8.74 19.75
CA LYS B 6 -21.91 8.29 21.14
C LYS B 6 -20.61 7.52 21.34
N ILE B 7 -19.75 8.02 22.22
CA ILE B 7 -18.58 7.25 22.62
C ILE B 7 -18.87 6.60 23.96
N ILE B 8 -18.81 5.27 24.01
CA ILE B 8 -19.24 4.55 25.20
C ILE B 8 -18.11 3.74 25.81
N GLN B 9 -17.99 3.78 27.13
CA GLN B 9 -16.98 3.00 27.82
C GLN B 9 -17.34 1.51 27.81
N GLY B 10 -16.53 0.71 27.12
CA GLY B 10 -16.75 -0.73 27.09
C GLY B 10 -17.75 -1.13 26.02
N ALA B 11 -18.28 -2.35 26.12
CA ALA B 11 -19.17 -2.91 25.11
C ALA B 11 -20.42 -2.05 24.89
N LEU B 12 -20.89 -1.95 23.64
CA LEU B 12 -22.12 -1.22 23.35
C LEU B 12 -23.35 -2.04 23.75
N ASP B 13 -24.38 -1.37 24.25
CA ASP B 13 -25.67 -2.02 24.48
C ASP B 13 -26.50 -1.94 23.19
N THR B 14 -26.23 -2.86 22.26
CA THR B 14 -26.83 -2.84 20.92
C THR B 14 -28.36 -2.91 20.97
N ARG B 15 -28.88 -3.69 21.90
CA ARG B 15 -30.33 -3.86 21.99
C ARG B 15 -30.98 -2.53 22.34
N GLU B 16 -30.40 -1.79 23.29
CA GLU B 16 -30.98 -0.52 23.72
C GLU B 16 -30.76 0.55 22.66
N LEU B 17 -29.59 0.56 22.03
CA LEU B 17 -29.35 1.52 20.96
C LEU B 17 -30.30 1.28 19.80
N LEU B 18 -30.44 0.02 19.39
CA LEU B 18 -31.30 -0.26 18.24
C LEU B 18 -32.75 0.11 18.50
N LYS B 19 -33.24 -0.14 19.73
CA LYS B 19 -34.62 0.20 20.08
C LYS B 19 -34.86 1.69 19.96
N ALA B 20 -33.99 2.49 20.57
CA ALA B 20 -34.07 3.94 20.48
C ALA B 20 -33.98 4.47 19.04
N TYR B 21 -33.03 3.94 18.26
CA TYR B 21 -32.88 4.38 16.88
C TYR B 21 -34.15 4.08 16.08
N GLN B 22 -34.76 2.94 16.34
CA GLN B 22 -35.95 2.59 15.56
C GLN B 22 -37.16 3.42 16.01
N GLU B 23 -37.22 3.75 17.30
CA GLU B 23 -38.31 4.61 17.75
C GLU B 23 -38.20 5.98 17.08
N GLU B 24 -36.98 6.47 16.93
CA GLU B 24 -36.78 7.75 16.26
C GLU B 24 -37.24 7.61 14.80
N ALA B 25 -36.91 6.48 14.19
CA ALA B 25 -37.27 6.26 12.79
C ALA B 25 -38.78 6.38 12.62
N CYS B 26 -39.54 5.80 13.54
CA CYS B 26 -41.01 5.83 13.42
C CYS B 26 -41.54 7.22 13.68
N ALA B 27 -40.99 7.90 14.69
CA ALA B 27 -41.41 9.23 15.06
C ALA B 27 -41.22 10.22 13.92
N LYS B 28 -40.19 9.99 13.09
CA LYS B 28 -39.95 10.87 11.94
C LYS B 28 -40.62 10.40 10.65
N ASN B 29 -41.43 9.35 10.77
CA ASN B 29 -42.15 8.77 9.63
C ASN B 29 -41.23 8.27 8.53
N PHE B 30 -40.09 7.69 8.92
CA PHE B 30 -39.15 7.09 7.98
C PHE B 30 -39.60 5.69 7.57
N GLY B 31 -39.17 5.25 6.40
CA GLY B 31 -39.58 3.95 5.87
C GLY B 31 -38.42 2.98 5.72
N ALA B 32 -37.19 3.49 5.82
CA ALA B 32 -36.01 2.67 5.60
C ALA B 32 -35.08 2.82 6.79
N PHE B 33 -34.53 1.71 7.27
CA PHE B 33 -33.76 1.73 8.51
C PHE B 33 -32.58 0.77 8.33
N CYS B 34 -31.39 1.31 8.08
CA CYS B 34 -30.22 0.47 7.84
C CYS B 34 -29.29 0.46 9.05
N VAL B 35 -28.81 -0.71 9.44
CA VAL B 35 -28.00 -0.83 10.63
C VAL B 35 -26.77 -1.68 10.36
N PHE B 36 -25.63 -1.25 10.88
CA PHE B 36 -24.44 -2.09 10.86
C PHE B 36 -23.89 -2.22 12.28
N VAL B 37 -23.54 -3.45 12.67
CA VAL B 37 -22.94 -3.69 13.98
C VAL B 37 -21.63 -4.43 13.77
N GLY B 38 -20.55 -3.89 14.32
CA GLY B 38 -19.30 -4.61 14.37
C GLY B 38 -19.23 -5.41 15.66
N ILE B 39 -18.97 -6.70 15.55
CA ILE B 39 -18.96 -7.55 16.74
C ILE B 39 -17.55 -8.09 16.90
N VAL B 40 -17.01 -8.06 18.11
CA VAL B 40 -15.65 -8.55 18.35
C VAL B 40 -15.64 -10.08 18.21
N ARG B 41 -14.77 -10.61 17.37
CA ARG B 41 -14.75 -12.06 17.17
C ARG B 41 -13.46 -12.68 17.70
N LYS B 42 -13.51 -13.98 17.96
CA LYS B 42 -12.34 -14.73 18.42
C LYS B 42 -11.31 -14.87 17.29
N GLU B 43 -10.09 -14.44 17.57
CA GLU B 43 -8.95 -14.67 16.68
C GLU B 43 -7.83 -15.24 17.53
N ASP B 44 -6.84 -15.85 16.89
CA ASP B 44 -5.81 -16.59 17.60
C ASP B 44 -5.25 -15.82 18.81
N ASN B 45 -5.27 -16.47 19.97
CA ASN B 45 -4.66 -15.98 21.21
C ASN B 45 -5.28 -14.74 21.87
N ILE B 46 -6.40 -14.24 21.36
CA ILE B 46 -6.95 -13.03 21.95
C ILE B 46 -8.20 -13.29 22.79
N GLN B 47 -8.44 -12.41 23.76
CA GLN B 47 -9.64 -12.53 24.60
C GLN B 47 -10.59 -11.37 24.33
N GLY B 48 -10.15 -10.43 23.51
CA GLY B 48 -10.95 -9.27 23.15
C GLY B 48 -10.10 -8.20 22.49
N LEU B 49 -10.67 -7.02 22.28
CA LEU B 49 -9.96 -5.88 21.73
C LEU B 49 -10.11 -4.72 22.69
N SER B 50 -9.31 -3.67 22.48
CA SER B 50 -9.40 -2.46 23.28
C SER B 50 -9.19 -1.26 22.36
N PHE B 51 -9.92 -0.18 22.60
CA PHE B 51 -9.82 0.96 21.69
C PHE B 51 -9.34 2.25 22.36
N ASP B 52 -8.48 2.99 21.65
CA ASP B 52 -8.18 4.39 21.98
C ASP B 52 -8.89 5.26 20.93
N ILE B 53 -9.36 6.43 21.32
CA ILE B 53 -10.03 7.32 20.36
C ILE B 53 -9.55 8.78 20.48
N TYR B 54 -9.35 9.45 19.34
CA TYR B 54 -9.07 10.89 19.28
C TYR B 54 -10.40 11.60 19.15
N GLU B 55 -10.98 11.95 20.29
CA GLU B 55 -12.39 12.32 20.31
C GLU B 55 -12.71 13.61 19.58
N ALA B 56 -11.88 14.64 19.75
CA ALA B 56 -12.16 15.93 19.13
C ALA B 56 -12.15 15.82 17.59
N LEU B 57 -11.24 15.01 17.06
CA LEU B 57 -11.17 14.81 15.60
C LEU B 57 -12.24 13.84 15.11
N LEU B 58 -12.55 12.83 15.91
CA LEU B 58 -13.64 11.92 15.56
C LEU B 58 -14.95 12.70 15.44
N LYS B 59 -15.13 13.67 16.34
CA LYS B 59 -16.37 14.44 16.41
C LYS B 59 -16.56 15.28 15.15
N THR B 60 -15.53 16.00 14.75
CA THR B 60 -15.63 16.86 13.57
C THR B 60 -15.61 16.06 12.28
N TRP B 61 -14.86 14.96 12.27
CA TRP B 61 -14.86 14.08 11.10
C TRP B 61 -16.26 13.55 10.88
N PHE B 62 -16.92 13.15 11.97
CA PHE B 62 -18.25 12.59 11.85
C PHE B 62 -19.32 13.63 11.54
N GLU B 63 -19.15 14.84 12.06
CA GLU B 63 -20.15 15.88 11.85
C GLU B 63 -20.29 16.19 10.35
N LYS B 64 -19.20 16.01 9.61
CA LYS B 64 -19.21 16.20 8.16
C LYS B 64 -20.12 15.19 7.49
N TRP B 65 -19.96 13.93 7.86
CA TRP B 65 -20.83 12.88 7.34
C TRP B 65 -22.27 13.13 7.79
N HIS B 66 -22.44 13.64 9.00
CA HIS B 66 -23.80 13.80 9.53
C HIS B 66 -24.60 14.85 8.75
N HIS B 67 -23.97 15.99 8.46
CA HIS B 67 -24.66 17.00 7.69
C HIS B 67 -24.73 16.70 6.19
N LYS B 68 -23.80 15.89 5.67
CA LYS B 68 -23.94 15.39 4.31
C LYS B 68 -25.22 14.54 4.22
N ALA B 69 -25.43 13.69 5.21
CA ALA B 69 -26.61 12.84 5.28
C ALA B 69 -27.87 13.67 5.40
N LYS B 70 -27.87 14.60 6.36
CA LYS B 70 -28.99 15.50 6.59
C LYS B 70 -29.41 16.23 5.32
N ASP B 71 -28.44 16.78 4.58
CA ASP B 71 -28.71 17.41 3.28
C ASP B 71 -29.51 16.50 2.36
N LEU B 72 -29.37 15.21 2.56
CA LEU B 72 -30.04 14.22 1.72
C LEU B 72 -31.27 13.64 2.41
N GLY B 73 -31.66 14.21 3.53
CA GLY B 73 -32.85 13.79 4.25
C GLY B 73 -32.63 12.57 5.14
N VAL B 74 -31.38 12.14 5.24
CA VAL B 74 -31.04 10.94 5.98
C VAL B 74 -30.51 11.28 7.38
N VAL B 75 -30.97 10.54 8.39
CA VAL B 75 -30.40 10.65 9.73
C VAL B 75 -29.32 9.59 9.90
N LEU B 76 -28.10 10.05 10.17
CA LEU B 76 -26.96 9.15 10.32
C LEU B 76 -26.44 9.29 11.73
N LYS B 77 -26.35 8.18 12.45
CA LYS B 77 -25.87 8.20 13.82
C LYS B 77 -24.92 7.03 14.04
N MSE B 78 -23.98 7.19 14.95
CA MSE B 78 -23.07 6.09 15.25
C MSE B 78 -22.65 6.04 16.70
O MSE B 78 -22.77 7.06 17.41
CB MSE B 78 -21.80 6.18 14.39
CG MSE B 78 -20.95 7.39 14.70
SE MSE B 78 -19.07 7.11 14.21
CE MSE B 78 -18.62 5.87 15.68
N ALA B 79 -22.18 4.87 17.13
CA ALA B 79 -21.63 4.68 18.47
C ALA B 79 -20.41 3.79 18.40
N HIS B 80 -19.42 4.05 19.26
CA HIS B 80 -18.21 3.23 19.27
C HIS B 80 -17.71 3.06 20.70
N SER B 81 -17.15 1.90 21.00
CA SER B 81 -16.66 1.64 22.33
C SER B 81 -15.34 2.33 22.50
N LEU B 82 -15.02 2.64 23.74
CA LEU B 82 -13.71 3.12 24.16
C LEU B 82 -13.24 2.07 25.18
N GLY B 83 -11.95 1.72 25.17
CA GLY B 83 -11.46 0.72 26.13
C GLY B 83 -11.74 -0.73 25.72
N ASP B 84 -11.89 -1.61 26.72
CA ASP B 84 -11.92 -3.05 26.47
C ASP B 84 -13.29 -3.53 25.99
N VAL B 85 -13.28 -4.40 24.98
CA VAL B 85 -14.51 -5.01 24.51
C VAL B 85 -14.26 -6.50 24.30
N LEU B 86 -14.97 -7.35 25.04
CA LEU B 86 -14.69 -8.78 24.99
C LEU B 86 -15.27 -9.45 23.76
N ILE B 87 -14.72 -10.61 23.44
CA ILE B 87 -15.22 -11.43 22.35
C ILE B 87 -16.73 -11.58 22.47
N GLY B 88 -17.44 -11.46 21.35
CA GLY B 88 -18.88 -11.63 21.36
C GLY B 88 -19.65 -10.37 21.72
N GLN B 89 -18.94 -9.31 22.11
CA GLN B 89 -19.55 -8.02 22.42
CA GLN B 89 -19.60 -8.05 22.38
C GLN B 89 -19.43 -7.09 21.20
N SER B 90 -20.29 -6.07 21.13
CA SER B 90 -20.25 -5.11 20.03
C SER B 90 -19.41 -3.87 20.33
N SER B 91 -18.58 -3.47 19.38
CA SER B 91 -17.68 -2.33 19.55
C SER B 91 -18.07 -1.13 18.68
N PHE B 92 -18.92 -1.36 17.69
CA PHE B 92 -19.27 -0.31 16.74
C PHE B 92 -20.68 -0.56 16.23
N LEU B 93 -21.44 0.51 16.10
CA LEU B 93 -22.82 0.42 15.59
C LEU B 93 -23.12 1.70 14.84
N CYS B 94 -23.75 1.60 13.69
CA CYS B 94 -24.20 2.82 13.02
C CYS B 94 -25.54 2.61 12.34
N VAL B 95 -26.31 3.69 12.20
CA VAL B 95 -27.62 3.62 11.57
CA VAL B 95 -27.60 3.60 11.55
C VAL B 95 -27.75 4.69 10.53
N SER B 96 -28.38 4.36 9.42
CA SER B 96 -28.67 5.32 8.39
C SER B 96 -30.15 5.12 8.11
N MSE B 97 -30.96 6.16 8.30
CA MSE B 97 -32.41 5.99 8.13
C MSE B 97 -33.00 7.20 7.43
O MSE B 97 -32.47 8.31 7.52
CB MSE B 97 -33.08 5.80 9.51
CG MSE B 97 -32.74 6.89 10.52
SE MSE B 97 -33.43 6.45 12.33
CE MSE B 97 -32.32 7.67 13.37
N GLY B 98 -34.08 6.99 6.71
CA GLY B 98 -34.72 8.08 6.00
C GLY B 98 -36.07 7.69 5.41
N LYS B 99 -36.70 8.64 4.74
CA LYS B 99 -37.98 8.43 4.09
C LYS B 99 -38.00 7.18 3.23
N ASN B 100 -37.16 7.16 2.20
CA ASN B 100 -37.03 5.99 1.34
C ASN B 100 -35.60 5.44 1.35
N ARG B 101 -35.41 4.25 0.79
CA ARG B 101 -34.18 3.51 1.00
C ARG B 101 -32.99 4.03 0.20
N LYS B 102 -33.25 4.69 -0.92
CA LYS B 102 -32.18 4.98 -1.86
C LYS B 102 -31.05 5.78 -1.22
N ASN B 103 -31.34 6.96 -0.68
CA ASN B 103 -30.28 7.78 -0.10
C ASN B 103 -29.69 7.16 1.16
N ALA B 104 -30.56 6.54 1.97
CA ALA B 104 -30.11 5.95 3.22
C ALA B 104 -29.11 4.83 2.95
N LEU B 105 -29.40 4.00 1.95
CA LEU B 105 -28.55 2.86 1.64
C LEU B 105 -27.23 3.30 1.02
N GLU B 106 -27.27 4.33 0.18
CA GLU B 106 -26.05 4.84 -0.45
C GLU B 106 -25.12 5.47 0.58
N LEU B 107 -25.70 6.21 1.50
CA LEU B 107 -24.91 6.86 2.56
C LEU B 107 -24.31 5.80 3.50
N TYR B 108 -25.10 4.80 3.84
CA TYR B 108 -24.67 3.68 4.67
C TYR B 108 -23.42 2.99 4.11
N GLU B 109 -23.44 2.59 2.83
CA GLU B 109 -22.29 1.90 2.26
C GLU B 109 -21.06 2.78 2.28
N ASN B 110 -21.22 4.03 1.83
CA ASN B 110 -20.06 4.92 1.73
C ASN B 110 -19.51 5.30 3.09
N PHE B 111 -20.40 5.57 4.05
CA PHE B 111 -19.93 5.95 5.39
C PHE B 111 -19.11 4.87 6.07
N ILE B 112 -19.59 3.63 5.99
CA ILE B 112 -18.91 2.52 6.62
C ILE B 112 -17.50 2.37 6.04
N GLU B 113 -17.41 2.39 4.72
CA GLU B 113 -16.10 2.32 4.08
C GLU B 113 -15.19 3.46 4.50
N ASP B 114 -15.71 4.69 4.48
CA ASP B 114 -14.87 5.83 4.88
C ASP B 114 -14.49 5.71 6.35
N PHE B 115 -15.46 5.31 7.17
CA PHE B 115 -15.20 5.08 8.59
C PHE B 115 -14.03 4.14 8.85
N LYS B 116 -14.08 2.97 8.23
CA LYS B 116 -13.06 1.95 8.49
C LYS B 116 -11.65 2.43 8.16
N HIS B 117 -11.52 3.32 7.16
CA HIS B 117 -10.19 3.75 6.74
C HIS B 117 -9.74 5.11 7.30
N ASN B 118 -10.65 5.87 7.90
CA ASN B 118 -10.31 7.26 8.27
C ASN B 118 -10.64 7.68 9.70
N ALA B 119 -11.46 6.89 10.39
CA ALA B 119 -11.85 7.25 11.75
C ALA B 119 -10.60 7.22 12.62
N PRO B 120 -10.38 8.30 13.39
CA PRO B 120 -9.17 8.36 14.21
C PRO B 120 -9.33 7.49 15.45
N ILE B 121 -9.17 6.18 15.26
CA ILE B 121 -9.38 5.20 16.32
C ILE B 121 -8.29 4.14 16.26
N TRP B 122 -7.73 3.76 17.40
CA TRP B 122 -6.65 2.78 17.42
C TRP B 122 -7.04 1.50 18.14
N LYS B 123 -6.73 0.37 17.51
CA LYS B 123 -7.17 -0.93 17.98
C LYS B 123 -6.02 -1.74 18.59
N TYR B 124 -6.28 -2.40 19.71
CA TYR B 124 -5.30 -3.29 20.33
C TYR B 124 -5.92 -4.66 20.58
N ASP B 125 -5.13 -5.72 20.45
CA ASP B 125 -5.56 -7.06 20.89
C ASP B 125 -5.29 -7.23 22.39
N LEU B 126 -6.21 -7.93 23.08
CA LEU B 126 -5.99 -8.33 24.46
C LEU B 126 -5.44 -9.75 24.46
N ILE B 127 -4.12 -9.88 24.62
CA ILE B 127 -3.46 -11.16 24.51
C ILE B 127 -2.68 -11.46 25.78
N HIS B 128 -2.97 -12.61 26.41
CA HIS B 128 -2.23 -13.01 27.59
C HIS B 128 -2.05 -11.84 28.55
N ASN B 129 -3.13 -11.10 28.80
CA ASN B 129 -3.10 -10.00 29.77
C ASN B 129 -2.35 -8.76 29.32
N LYS B 130 -1.89 -8.74 28.08
CA LYS B 130 -1.20 -7.59 27.53
C LYS B 130 -2.12 -6.85 26.55
N ARG B 131 -1.83 -5.57 26.32
CA ARG B 131 -2.59 -4.76 25.36
C ARG B 131 -1.69 -4.46 24.17
N ILE B 132 -1.94 -5.09 23.04
CA ILE B 132 -0.96 -5.06 21.95
C ILE B 132 -1.48 -4.44 20.65
N TYR B 133 -0.87 -3.34 20.24
CA TYR B 133 -1.28 -2.60 19.05
C TYR B 133 -1.40 -3.51 17.83
N ALA B 134 -2.50 -3.36 17.12
CA ALA B 134 -2.78 -4.13 15.93
C ALA B 134 -2.11 -3.49 14.72
N LYS B 135 -0.79 -3.54 14.72
CA LYS B 135 0.00 -2.81 13.75
C LYS B 135 -0.16 -3.17 12.29
N GLU B 136 -0.16 -4.45 11.96
CA GLU B 136 -0.22 -4.78 10.56
C GLU B 136 -1.51 -4.38 9.86
N ARG B 137 -2.65 -4.59 10.51
CA ARG B 137 -3.95 -4.43 9.85
C ARG B 137 -4.56 -3.04 10.03
N SER B 138 -3.78 -2.12 10.59
CA SER B 138 -4.21 -0.75 10.73
C SER B 138 -3.91 0.03 9.45
N HIS B 139 -4.66 1.09 9.20
CA HIS B 139 -4.61 1.80 7.92
C HIS B 139 -3.97 3.17 8.07
N PRO B 140 -2.85 3.40 7.37
CA PRO B 140 -2.26 4.74 7.46
C PRO B 140 -3.25 5.78 6.95
N LEU B 141 -3.32 6.92 7.63
CA LEU B 141 -4.24 8.00 7.29
C LEU B 141 -3.76 8.82 6.09
N LYS B 142 -4.69 9.56 5.48
CA LYS B 142 -4.34 10.53 4.46
C LYS B 142 -3.28 11.49 4.98
N GLY B 143 -2.19 11.62 4.23
CA GLY B 143 -1.11 12.52 4.61
C GLY B 143 -0.08 11.88 5.51
N SER B 144 -0.21 10.57 5.73
CA SER B 144 0.74 9.89 6.60
C SER B 144 2.16 10.05 6.05
N GLY B 145 3.14 10.25 6.93
CA GLY B 145 4.53 10.39 6.54
C GLY B 145 4.93 11.82 6.21
N LEU B 146 4.03 12.77 6.48
CA LEU B 146 4.30 14.19 6.21
C LEU B 146 5.57 14.72 6.88
N LEU B 147 5.96 14.10 8.00
CA LEU B 147 7.11 14.62 8.74
C LEU B 147 8.31 13.68 8.73
N ALA B 148 8.24 12.64 7.89
CA ALA B 148 9.34 11.69 7.78
C ALA B 148 10.57 12.30 7.11
N MSE C 1 6.87 31.61 19.12
CA MSE C 1 6.17 30.46 18.57
C MSE C 1 6.31 29.21 19.44
O MSE C 1 7.06 28.29 19.11
CB MSE C 1 6.64 30.16 17.15
CG MSE C 1 5.51 30.17 16.11
SE MSE C 1 5.08 31.96 15.49
CE MSE C 1 4.02 32.61 17.00
N MSE C 2 5.57 29.18 20.55
CA MSE C 2 5.45 27.99 21.38
C MSE C 2 4.35 27.09 20.83
O MSE C 2 3.24 27.54 20.57
CB MSE C 2 5.14 28.36 22.82
CG MSE C 2 5.12 27.18 23.77
SE MSE C 2 6.91 26.60 24.27
CE MSE C 2 7.52 28.27 25.07
N VAL C 3 4.66 25.80 20.70
CA VAL C 3 3.79 24.85 20.02
C VAL C 3 3.75 23.57 20.85
N GLU C 4 2.60 22.94 20.94
CA GLU C 4 2.51 21.67 21.65
C GLU C 4 2.44 20.51 20.66
N VAL C 5 3.15 19.43 20.96
CA VAL C 5 3.14 18.27 20.09
C VAL C 5 2.60 17.09 20.88
N ARG C 6 1.59 16.41 20.33
CA ARG C 6 0.96 15.29 21.00
C ARG C 6 1.05 14.00 20.20
N PHE C 7 1.00 12.88 20.90
CA PHE C 7 1.18 11.58 20.28
C PHE C 7 0.04 10.64 20.63
N PHE C 8 -0.73 10.24 19.61
CA PHE C 8 -1.90 9.41 19.85
C PHE C 8 -1.66 7.93 19.70
N GLY C 9 -2.58 7.12 20.21
CA GLY C 9 -2.54 5.69 20.03
C GLY C 9 -1.38 5.00 20.71
N PRO C 10 -0.69 4.11 19.98
CA PRO C 10 0.38 3.27 20.52
C PRO C 10 1.73 3.97 20.66
N ILE C 11 1.83 5.22 20.21
CA ILE C 11 3.09 5.96 20.36
C ILE C 11 3.39 6.20 21.83
N LYS C 12 4.54 5.73 22.30
CA LYS C 12 4.81 5.75 23.74
C LYS C 12 5.37 7.08 24.22
N GLU C 13 5.77 7.92 23.29
CA GLU C 13 6.39 9.20 23.66
C GLU C 13 5.39 10.13 24.34
N GLU C 14 5.82 10.77 25.40
CA GLU C 14 5.00 11.79 26.08
C GLU C 14 4.86 13.04 25.22
N ASN C 15 3.73 13.73 25.37
CA ASN C 15 3.53 15.01 24.71
C ASN C 15 4.51 16.03 25.28
N PHE C 16 4.84 17.05 24.52
CA PHE C 16 5.73 18.09 25.05
C PHE C 16 5.53 19.40 24.31
N PHE C 17 6.04 20.49 24.89
CA PHE C 17 5.99 21.80 24.27
C PHE C 17 7.37 22.11 23.70
N ILE C 18 7.41 22.82 22.57
CA ILE C 18 8.69 23.13 21.95
C ILE C 18 8.54 24.36 21.09
N LYS C 19 9.65 25.08 20.87
CA LYS C 19 9.61 26.23 19.98
C LYS C 19 9.92 25.84 18.53
N ALA C 20 9.15 26.42 17.61
CA ALA C 20 9.42 26.24 16.18
C ALA C 20 8.69 27.31 15.36
N ASN C 21 9.42 27.97 14.47
CA ASN C 21 8.84 28.99 13.62
C ASN C 21 7.82 28.39 12.66
N ASP C 22 8.17 27.24 12.10
CA ASP C 22 7.32 26.59 11.10
C ASP C 22 7.36 25.06 11.21
N LEU C 23 6.61 24.38 10.35
CA LEU C 23 6.52 22.93 10.38
C LEU C 23 7.78 22.24 9.87
N LYS C 24 8.45 22.85 8.89
CA LYS C 24 9.70 22.27 8.41
C LYS C 24 10.70 22.21 9.54
N GLU C 25 10.61 23.17 10.45
CA GLU C 25 11.49 23.22 11.62
C GLU C 25 11.07 22.15 12.62
N LEU C 26 9.78 22.08 12.90
CA LEU C 26 9.23 21.05 13.78
C LEU C 26 9.61 19.67 13.24
N ARG C 27 9.63 19.52 11.94
CA ARG C 27 10.00 18.26 11.32
C ARG C 27 11.42 17.85 11.65
N ALA C 28 12.33 18.82 11.62
CA ALA C 28 13.73 18.54 11.95
C ALA C 28 13.89 18.12 13.41
N ILE C 29 13.12 18.75 14.29
CA ILE C 29 13.18 18.44 15.71
C ILE C 29 12.67 17.03 16.00
N LEU C 30 11.62 16.61 15.31
CA LEU C 30 11.05 15.29 15.57
C LEU C 30 11.94 14.17 15.01
N GLN C 31 12.61 14.44 13.89
CA GLN C 31 13.47 13.43 13.24
C GLN C 31 14.69 13.02 14.07
N GLU C 32 15.05 13.83 15.06
CA GLU C 32 16.18 13.53 15.91
C GLU C 32 15.77 12.66 17.11
N LYS C 33 14.47 12.48 17.30
CA LYS C 33 13.99 11.73 18.45
C LYS C 33 13.90 10.23 18.17
N GLU C 34 14.79 9.48 18.80
CA GLU C 34 14.88 8.04 18.56
C GLU C 34 13.57 7.31 18.81
N GLY C 35 12.68 7.92 19.58
CA GLY C 35 11.39 7.30 19.90
C GLY C 35 10.34 7.53 18.83
N LEU C 36 10.70 8.32 17.82
CA LEU C 36 9.76 8.59 16.72
C LEU C 36 10.27 8.03 15.39
N LYS C 37 11.50 7.51 15.39
CA LYS C 37 12.04 6.88 14.20
C LYS C 37 11.07 5.85 13.58
N GLU C 38 10.38 5.09 14.42
CA GLU C 38 9.53 4.00 13.93
C GLU C 38 8.12 4.48 13.59
N TRP C 39 7.88 5.78 13.78
CA TRP C 39 6.52 6.32 13.70
C TRP C 39 6.30 7.38 12.63
N LEU C 40 7.31 8.23 12.43
CA LEU C 40 7.18 9.39 11.54
C LEU C 40 6.71 9.01 10.14
N GLY C 41 7.25 7.93 9.60
CA GLY C 41 6.86 7.47 8.27
C GLY C 41 5.40 7.07 8.14
N VAL C 42 4.75 6.71 9.24
CA VAL C 42 3.39 6.18 9.18
C VAL C 42 2.33 7.06 9.84
N CYS C 43 2.76 8.14 10.49
CA CYS C 43 1.83 9.06 11.15
C CYS C 43 1.34 10.20 10.27
N ALA C 44 0.03 10.41 10.30
CA ALA C 44 -0.59 11.60 9.73
C ALA C 44 -0.53 12.70 10.78
N ILE C 45 -0.71 13.95 10.35
CA ILE C 45 -0.58 15.11 11.22
C ILE C 45 -1.84 15.96 11.28
N ALA C 46 -2.30 16.27 12.48
CA ALA C 46 -3.42 17.19 12.66
C ALA C 46 -2.98 18.49 13.33
N LEU C 47 -3.46 19.62 12.80
CA LEU C 47 -3.17 20.93 13.34
C LEU C 47 -4.40 21.50 14.03
N ASN C 48 -4.34 21.63 15.35
CA ASN C 48 -5.53 21.98 16.12
C ASN C 48 -6.73 21.14 15.69
N ASP C 49 -6.57 19.82 15.70
CA ASP C 49 -7.68 18.88 15.47
C ASP C 49 -8.17 18.80 14.02
N HIS C 50 -7.35 19.23 13.06
CA HIS C 50 -7.69 19.08 11.65
C HIS C 50 -6.52 18.55 10.82
N LEU C 51 -6.73 17.44 10.12
CA LEU C 51 -5.69 16.86 9.28
C LEU C 51 -5.10 17.87 8.32
N ILE C 52 -3.77 17.91 8.24
CA ILE C 52 -3.10 18.70 7.21
C ILE C 52 -2.17 17.82 6.38
N ASP C 53 -1.85 18.28 5.16
CA ASP C 53 -1.00 17.54 4.25
C ASP C 53 0.03 18.44 3.56
N ASN C 54 0.09 19.71 3.98
CA ASN C 54 1.07 20.65 3.44
C ASN C 54 2.03 21.17 4.51
N LEU C 55 3.32 20.93 4.30
CA LEU C 55 4.36 21.37 5.23
C LEU C 55 4.48 22.90 5.25
N ASN C 56 3.84 23.56 4.29
CA ASN C 56 3.89 25.00 4.19
C ASN C 56 2.88 25.70 5.10
N THR C 57 2.10 24.93 5.85
CA THR C 57 1.08 25.48 6.75
C THR C 57 1.70 26.33 7.86
N PRO C 58 1.41 27.64 7.86
CA PRO C 58 1.99 28.57 8.85
C PRO C 58 1.66 28.16 10.28
N LEU C 59 2.60 28.35 11.19
CA LEU C 59 2.34 28.06 12.61
C LEU C 59 2.00 29.33 13.37
N LYS C 60 1.61 29.17 14.62
CA LYS C 60 1.17 30.29 15.46
C LYS C 60 1.25 29.89 16.93
N ASP C 61 1.35 30.88 17.80
CA ASP C 61 1.60 30.62 19.22
C ASP C 61 0.40 29.97 19.92
N GLY C 62 0.61 28.77 20.42
CA GLY C 62 -0.47 28.00 21.04
C GLY C 62 -0.96 26.83 20.19
N ASP C 63 -0.50 26.78 18.93
CA ASP C 63 -0.91 25.70 18.02
C ASP C 63 -0.55 24.33 18.57
N VAL C 64 -1.44 23.38 18.38
CA VAL C 64 -1.23 22.01 18.83
C VAL C 64 -1.15 21.05 17.65
N ILE C 65 -0.02 20.35 17.55
CA ILE C 65 0.22 19.40 16.46
C ILE C 65 0.09 17.98 16.99
N SER C 66 -0.73 17.17 16.32
CA SER C 66 -1.03 15.80 16.77
C SER C 66 -0.58 14.75 15.74
N LEU C 67 0.17 13.75 16.22
CA LEU C 67 0.67 12.67 15.38
C LEU C 67 -0.28 11.50 15.49
N LEU C 68 -0.77 11.04 14.33
CA LEU C 68 -1.79 10.01 14.28
C LEU C 68 -1.29 8.78 13.56
N PRO C 69 -0.97 7.71 14.31
CA PRO C 69 -0.54 6.45 13.69
C PRO C 69 -1.71 5.77 12.97
N PRO C 70 -1.43 4.70 12.21
CA PRO C 70 -2.45 4.02 11.39
C PRO C 70 -3.62 3.51 12.23
N VAL C 71 -4.84 3.63 11.69
CA VAL C 71 -6.08 3.45 12.45
C VAL C 71 -6.75 2.13 12.16
N CYS C 72 -7.68 1.75 13.03
CA CYS C 72 -8.47 0.53 12.80
C CYS C 72 -9.76 0.51 13.61
N GLY C 73 -10.64 1.47 13.35
CA GLY C 73 -11.89 1.56 14.08
C GLY C 73 -12.87 0.47 13.69
N GLY C 74 -13.89 0.26 14.52
CA GLY C 74 -14.89 -0.77 14.26
C GLY C 74 -15.01 -1.79 15.38
N VAL D 3 37.26 -0.67 -13.20
CA VAL D 3 35.92 -1.23 -13.25
C VAL D 3 34.94 -0.52 -12.33
N GLU D 4 33.67 -0.46 -12.75
CA GLU D 4 32.62 -0.04 -11.82
C GLU D 4 31.78 -1.26 -11.41
N VAL D 5 31.31 -1.25 -10.17
CA VAL D 5 30.48 -2.32 -9.63
C VAL D 5 29.13 -1.73 -9.25
N ARG D 6 28.04 -2.23 -9.84
CA ARG D 6 26.71 -1.74 -9.51
C ARG D 6 25.89 -2.82 -8.85
N PHE D 7 24.98 -2.42 -7.96
CA PHE D 7 24.18 -3.37 -7.19
C PHE D 7 22.69 -3.10 -7.42
N PHE D 8 22.02 -4.07 -8.01
CA PHE D 8 20.63 -3.91 -8.38
C PHE D 8 19.63 -4.42 -7.35
N GLY D 9 18.41 -3.93 -7.46
CA GLY D 9 17.34 -4.37 -6.60
C GLY D 9 17.54 -4.15 -5.12
N PRO D 10 17.31 -5.20 -4.34
CA PRO D 10 17.34 -5.12 -2.87
C PRO D 10 18.69 -4.78 -2.26
N ILE D 11 19.79 -5.03 -2.97
CA ILE D 11 21.09 -4.80 -2.37
C ILE D 11 21.23 -3.35 -1.93
N LYS D 12 21.63 -3.19 -0.67
CA LYS D 12 21.87 -1.88 -0.05
C LYS D 12 23.11 -1.09 -0.47
N GLU D 13 24.21 -1.77 -0.67
CA GLU D 13 25.48 -1.12 -1.03
C GLU D 13 25.35 -0.11 -2.17
N GLU D 14 26.06 1.00 -2.06
CA GLU D 14 26.15 1.98 -3.14
C GLU D 14 27.16 1.52 -4.18
N ASN D 15 26.88 1.79 -5.46
CA ASN D 15 27.83 1.46 -6.50
C ASN D 15 29.15 2.19 -6.28
N PHE D 16 30.26 1.53 -6.61
CA PHE D 16 31.58 2.15 -6.49
C PHE D 16 32.47 1.87 -7.69
N PHE D 17 33.72 2.35 -7.62
CA PHE D 17 34.66 2.29 -8.75
C PHE D 17 35.95 1.51 -8.55
N ILE D 18 36.17 0.94 -7.37
CA ILE D 18 37.32 0.03 -7.20
C ILE D 18 37.28 -1.09 -8.24
N LYS D 24 39.14 -13.03 -11.04
CA LYS D 24 39.10 -13.73 -9.76
C LYS D 24 39.43 -12.77 -8.62
N GLU D 25 40.11 -11.68 -8.97
CA GLU D 25 40.50 -10.67 -8.00
C GLU D 25 39.44 -9.59 -7.83
N LEU D 26 38.26 -9.83 -8.39
CA LEU D 26 37.12 -8.99 -8.08
C LEU D 26 36.29 -9.73 -7.05
N ARG D 27 36.19 -11.05 -7.23
CA ARG D 27 35.54 -11.91 -6.25
C ARG D 27 36.08 -11.66 -4.84
N ALA D 28 37.38 -11.88 -4.63
CA ALA D 28 37.98 -11.75 -3.30
C ALA D 28 37.68 -10.42 -2.57
N ILE D 29 37.71 -9.32 -3.31
CA ILE D 29 37.42 -8.00 -2.72
C ILE D 29 35.94 -7.82 -2.34
N LEU D 30 35.02 -8.33 -3.17
CA LEU D 30 33.61 -8.25 -2.82
C LEU D 30 33.32 -9.23 -1.69
N GLN D 31 34.12 -10.30 -1.62
CA GLN D 31 33.94 -11.34 -0.61
C GLN D 31 34.35 -10.86 0.78
N GLU D 32 34.99 -9.70 0.84
CA GLU D 32 35.42 -9.11 2.12
C GLU D 32 34.53 -7.96 2.58
N LYS D 33 33.66 -7.48 1.70
CA LYS D 33 32.65 -6.50 2.09
C LYS D 33 31.48 -7.22 2.76
N GLU D 34 31.16 -6.83 4.00
CA GLU D 34 30.17 -7.56 4.79
C GLU D 34 28.71 -7.31 4.37
N GLY D 35 28.47 -6.21 3.68
CA GLY D 35 27.14 -5.89 3.21
C GLY D 35 26.77 -6.79 2.05
N LEU D 36 27.70 -7.66 1.66
CA LEU D 36 27.52 -8.51 0.49
C LEU D 36 27.50 -10.00 0.82
N LYS D 37 27.77 -10.35 2.07
CA LYS D 37 27.78 -11.77 2.45
C LYS D 37 26.40 -12.41 2.26
N GLU D 38 25.36 -11.61 2.46
CA GLU D 38 23.98 -12.05 2.27
C GLU D 38 23.71 -12.42 0.82
N TRP D 39 24.50 -11.84 -0.08
CA TRP D 39 24.11 -11.73 -1.48
C TRP D 39 24.88 -12.57 -2.49
N LEU D 40 26.18 -12.73 -2.27
CA LEU D 40 27.03 -13.35 -3.30
C LEU D 40 26.63 -14.78 -3.65
N GLY D 41 26.04 -15.49 -2.69
CA GLY D 41 25.61 -16.86 -2.93
C GLY D 41 24.47 -16.98 -3.93
N VAL D 42 23.66 -15.93 -4.07
CA VAL D 42 22.43 -16.01 -4.87
C VAL D 42 22.39 -15.06 -6.06
N CYS D 43 23.38 -14.16 -6.16
CA CYS D 43 23.44 -13.16 -7.22
C CYS D 43 24.08 -13.67 -8.51
N ALA D 44 23.42 -13.39 -9.64
CA ALA D 44 24.02 -13.60 -10.97
C ALA D 44 24.78 -12.32 -11.35
N ILE D 45 25.63 -12.38 -12.36
CA ILE D 45 26.41 -11.20 -12.72
CA ILE D 45 26.47 -11.24 -12.73
C ILE D 45 26.39 -10.89 -14.22
N ALA D 46 26.24 -9.60 -14.52
CA ALA D 46 26.29 -9.12 -15.89
C ALA D 46 27.54 -8.27 -16.08
N LEU D 47 28.32 -8.61 -17.11
CA LEU D 47 29.46 -7.78 -17.48
C LEU D 47 29.04 -6.94 -18.67
N ASN D 48 28.93 -5.63 -18.45
CA ASN D 48 28.48 -4.72 -19.50
C ASN D 48 27.09 -5.06 -20.04
N ASP D 49 26.13 -5.23 -19.12
CA ASP D 49 24.74 -5.50 -19.48
C ASP D 49 24.54 -6.87 -20.11
N HIS D 50 25.50 -7.78 -19.94
CA HIS D 50 25.36 -9.14 -20.46
C HIS D 50 25.70 -10.20 -19.42
N LEU D 51 24.76 -11.11 -19.15
CA LEU D 51 24.94 -12.14 -18.14
C LEU D 51 26.12 -13.03 -18.46
N ILE D 52 26.95 -13.33 -17.47
CA ILE D 52 28.04 -14.30 -17.64
C ILE D 52 27.92 -15.44 -16.62
N ASP D 53 28.67 -16.52 -16.83
CA ASP D 53 28.57 -17.69 -15.96
C ASP D 53 29.92 -18.37 -15.81
N PRO D 58 38.01 -12.40 -18.69
CA PRO D 58 38.56 -11.19 -19.31
C PRO D 58 38.04 -9.93 -18.62
N LEU D 59 38.80 -8.85 -18.72
CA LEU D 59 38.36 -7.55 -18.17
C LEU D 59 39.09 -6.42 -18.88
N LYS D 60 38.51 -5.22 -18.84
CA LYS D 60 39.07 -4.06 -19.53
C LYS D 60 38.59 -2.76 -18.90
N ASP D 61 39.21 -1.64 -19.30
CA ASP D 61 39.02 -0.37 -18.63
C ASP D 61 37.69 0.31 -18.93
N GLY D 62 36.88 0.49 -17.88
CA GLY D 62 35.56 1.08 -18.03
C GLY D 62 34.47 0.02 -18.03
N ASP D 63 34.90 -1.24 -17.93
CA ASP D 63 33.99 -2.36 -17.72
C ASP D 63 33.10 -2.11 -16.51
N VAL D 64 31.81 -2.37 -16.66
CA VAL D 64 30.87 -2.24 -15.55
C VAL D 64 30.31 -3.61 -15.18
N ILE D 65 30.43 -3.96 -13.91
CA ILE D 65 30.00 -5.27 -13.43
C ILE D 65 28.78 -5.17 -12.53
N SER D 66 27.69 -5.84 -12.92
CA SER D 66 26.42 -5.70 -12.22
C SER D 66 25.93 -6.96 -11.50
N LEU D 67 25.58 -6.79 -10.23
CA LEU D 67 25.09 -7.88 -9.38
C LEU D 67 23.56 -7.92 -9.40
N LEU D 68 23.01 -9.10 -9.71
CA LEU D 68 21.58 -9.28 -9.90
C LEU D 68 21.02 -10.35 -8.96
N PRO D 69 20.29 -9.92 -7.91
CA PRO D 69 19.64 -10.81 -6.94
C PRO D 69 18.46 -11.50 -7.60
N PRO D 70 17.92 -12.55 -6.96
CA PRO D 70 16.76 -13.26 -7.55
C PRO D 70 15.62 -12.29 -7.90
N VAL D 71 14.94 -12.55 -9.02
CA VAL D 71 13.98 -11.62 -9.64
C VAL D 71 12.53 -12.04 -9.41
N CYS D 72 11.59 -11.13 -9.65
CA CYS D 72 10.17 -11.52 -9.56
C CYS D 72 9.22 -10.57 -10.29
N GLY D 73 9.39 -10.45 -11.60
CA GLY D 73 8.58 -9.53 -12.38
C GLY D 73 7.14 -9.98 -12.52
N GLY D 74 6.25 -9.05 -12.86
CA GLY D 74 4.84 -9.39 -13.02
C GLY D 74 3.94 -8.48 -12.21
S SO4 E . -7.13 -19.89 -36.13
O1 SO4 E . -5.80 -20.37 -36.48
O2 SO4 E . -7.08 -18.46 -35.83
O3 SO4 E . -8.02 -20.12 -37.26
O4 SO4 E . -7.64 -20.58 -34.95
C1 EDO F . 18.33 -11.92 -19.11
O1 EDO F . 19.23 -12.91 -19.65
C2 EDO F . 18.24 -12.06 -17.58
O2 EDO F . 17.93 -13.41 -17.22
C1 EDO G . 18.33 1.32 -15.66
O1 EDO G . 18.34 0.20 -14.77
C2 EDO G . 19.64 1.32 -16.44
O2 EDO G . 19.80 0.04 -17.09
S SO4 H . -38.32 2.37 -0.52
O1 SO4 H . -37.87 1.01 -0.78
O2 SO4 H . -38.08 2.68 0.89
O3 SO4 H . -37.56 3.30 -1.36
O4 SO4 H . -39.74 2.49 -0.83
C1 EDO I . -1.94 -7.47 13.17
O1 EDO I . -2.51 -6.16 13.04
C2 EDO I . -0.87 -7.44 14.24
O2 EDO I . 0.17 -6.55 13.81
C1 EDO J . -9.31 14.96 21.64
O1 EDO J . -9.46 13.76 22.41
C2 EDO J . -8.55 16.00 22.46
O2 EDO J . -7.88 16.92 21.57
#